data_3I0X
#
_entry.id   3I0X
#
_cell.length_a   92.130
_cell.length_b   92.130
_cell.length_c   190.730
_cell.angle_alpha   90.000
_cell.angle_beta   90.000
_cell.angle_gamma   120.000
#
_symmetry.space_group_name_H-M   'P 65 2 2'
#
loop_
_entity.id
_entity.type
_entity.pdbx_description
1 polymer 8-oxoguanine-DNA-glycosylase
2 polymer "5'-D(*AP*TP*CP*CP*AP*(8OG)P*GP*TP*CP*TP*AP*CP*C)-3'"
3 polymer "5'-D(*GP*GP*TP*AP*GP*AP*CP*AP*TP*GP*GP*A)-3'"
4 non-polymer 'SODIUM ION'
5 water water
#
loop_
_entity_poly.entity_id
_entity_poly.type
_entity_poly.pdbx_seq_one_letter_code
_entity_poly.pdbx_strand_id
1 'polypeptide(L)'
;MDFDMIEEKKDSVIVRNVENFELKDIFDCGQCFRWHRQENGNYIGIAFEKVVEVQKIGEDVVIYNINEEEFKNVWSEYFD
LYRDYGEIKKELSRDPLLKKSVDFGEGIRILRQDPFEILLSFIISANNRIPMIKKCINNISEKAGKKLEYKGKIYYAFPT
VDKLHEFTEKDFEECTAGFRAKYLKDTVDRIYNGELNLEYIKSLNDNECHEELKKFMGVGPQVADCIMLFSMQKYSAFPV
DTWVKKAMMSLYVAPDVSLKKIRDFGREKFGSLSGFAQQYLFYYARENNIQ
;
A
2 'polydeoxyribonucleotide' (DA)(DT)(DC)(DC)(DA)(8OG)(DG)(DT)(DC)(DT)(DA)(DC)(DC) C
3 'polydeoxyribonucleotide' (DG)(DG)(DT)(DA)(DG)(DA)(DC)(DA)(DT)(DG)(DG)(DA) D
#
# COMPACT_ATOMS: atom_id res chain seq x y z
N MET A 1 -14.42 13.92 5.40
CA MET A 1 -13.04 14.39 5.74
C MET A 1 -12.74 14.00 7.20
N ASP A 2 -11.66 13.26 7.40
CA ASP A 2 -11.30 12.84 8.76
C ASP A 2 -10.33 13.75 9.51
N PHE A 3 -10.41 15.05 9.23
CA PHE A 3 -9.59 16.06 9.90
C PHE A 3 -10.32 17.40 9.84
N ASP A 4 -9.98 18.32 10.74
CA ASP A 4 -10.63 19.64 10.78
C ASP A 4 -9.95 20.65 9.89
N MET A 5 -8.72 21.02 10.25
N MET A 5 -8.73 21.03 10.26
CA MET A 5 -7.96 21.99 9.48
CA MET A 5 -7.96 22.00 9.49
C MET A 5 -6.47 21.67 9.56
C MET A 5 -6.48 21.72 9.62
N ILE A 6 -5.66 22.54 8.97
CA ILE A 6 -4.22 22.37 9.01
C ILE A 6 -3.54 23.68 9.36
N GLU A 7 -2.35 23.58 9.93
CA GLU A 7 -1.56 24.75 10.29
C GLU A 7 -0.19 24.56 9.67
N GLU A 8 0.20 25.48 8.80
CA GLU A 8 1.49 25.40 8.15
C GLU A 8 2.57 25.93 9.08
N LYS A 9 3.56 25.11 9.37
CA LYS A 9 4.67 25.49 10.24
C LYS A 9 5.88 25.80 9.37
N LYS A 10 7.02 26.08 10.00
CA LYS A 10 8.23 26.39 9.27
C LYS A 10 8.69 25.22 8.40
N ASP A 11 8.89 24.05 9.03
CA ASP A 11 9.33 22.87 8.30
C ASP A 11 8.37 21.70 8.44
N SER A 12 7.08 22.00 8.61
CA SER A 12 6.09 20.94 8.75
C SER A 12 4.67 21.49 8.66
N VAL A 13 3.70 20.58 8.64
CA VAL A 13 2.29 20.92 8.59
C VAL A 13 1.59 20.12 9.68
N ILE A 14 0.73 20.79 10.44
CA ILE A 14 -0.01 20.11 11.49
C ILE A 14 -1.45 19.90 11.04
N VAL A 15 -1.89 18.66 11.04
CA VAL A 15 -3.26 18.33 10.66
C VAL A 15 -3.99 18.21 11.99
N ARG A 16 -5.00 19.07 12.18
CA ARG A 16 -5.78 19.11 13.43
C ARG A 16 -6.97 18.17 13.50
N ASN A 17 -7.17 17.60 14.69
CA ASN A 17 -8.28 16.70 14.97
C ASN A 17 -8.49 15.60 13.94
N VAL A 18 -7.49 14.75 13.78
CA VAL A 18 -7.57 13.65 12.85
C VAL A 18 -8.25 12.47 13.53
N GLU A 19 -9.17 11.82 12.82
CA GLU A 19 -9.87 10.66 13.37
C GLU A 19 -9.49 9.42 12.56
N ASN A 20 -9.59 8.25 13.18
CA ASN A 20 -9.28 6.97 12.53
C ASN A 20 -7.91 7.04 11.86
N PHE A 21 -6.89 7.33 12.66
CA PHE A 21 -5.54 7.50 12.14
C PHE A 21 -4.50 7.11 13.19
N GLU A 22 -3.93 5.92 13.06
CA GLU A 22 -2.90 5.45 13.98
C GLU A 22 -1.71 5.03 13.14
N LEU A 23 -0.53 5.55 13.48
CA LEU A 23 0.68 5.25 12.71
C LEU A 23 1.00 3.77 12.55
N LYS A 24 1.00 3.02 13.64
CA LYS A 24 1.30 1.59 13.55
C LYS A 24 0.31 0.90 12.61
N ASP A 25 -0.98 1.19 12.79
CA ASP A 25 -2.01 0.57 11.95
C ASP A 25 -1.81 0.88 10.46
N ILE A 26 -1.54 2.14 10.14
CA ILE A 26 -1.34 2.55 8.75
C ILE A 26 -0.08 2.01 8.10
N PHE A 27 1.06 2.20 8.75
CA PHE A 27 2.32 1.79 8.18
C PHE A 27 2.75 0.33 8.34
N ASP A 28 2.13 -0.39 9.26
CA ASP A 28 2.49 -1.78 9.48
C ASP A 28 1.41 -2.80 9.12
N CYS A 29 0.34 -2.36 8.48
CA CYS A 29 -0.74 -3.28 8.13
C CYS A 29 -0.46 -4.08 6.86
N GLY A 30 0.73 -3.90 6.29
CA GLY A 30 1.11 -4.66 5.11
C GLY A 30 1.04 -3.98 3.74
N GLN A 31 0.37 -2.84 3.67
CA GLN A 31 0.19 -2.14 2.40
C GLN A 31 1.38 -1.38 1.85
N CYS A 32 2.33 -1.01 2.72
CA CYS A 32 3.48 -0.24 2.26
C CYS A 32 4.82 -0.81 2.71
N PHE A 33 5.85 -0.46 1.98
CA PHE A 33 7.19 -1.00 2.24
C PHE A 33 8.29 0.01 2.51
N ARG A 34 8.05 1.30 2.29
CA ARG A 34 9.10 2.28 2.51
C ARG A 34 8.90 3.20 3.71
N TRP A 35 8.17 2.74 4.71
CA TRP A 35 7.95 3.53 5.92
C TRP A 35 8.68 2.79 7.03
N HIS A 36 9.46 3.53 7.81
N HIS A 36 9.47 3.51 7.81
CA HIS A 36 10.26 2.93 8.89
CA HIS A 36 10.24 2.89 8.89
C HIS A 36 9.96 3.58 10.23
C HIS A 36 9.98 3.56 10.22
N ARG A 37 9.66 2.76 11.23
CA ARG A 37 9.38 3.25 12.57
C ARG A 37 10.65 3.75 13.24
N GLN A 38 10.56 4.94 13.83
CA GLN A 38 11.70 5.52 14.52
C GLN A 38 11.66 5.13 15.99
N GLU A 39 12.77 5.35 16.67
CA GLU A 39 12.89 5.02 18.09
C GLU A 39 11.78 5.69 18.90
N ASN A 40 11.45 6.92 18.56
CA ASN A 40 10.42 7.68 19.26
C ASN A 40 8.98 7.41 18.85
N GLY A 41 8.77 6.45 17.95
CA GLY A 41 7.41 6.16 17.54
C GLY A 41 6.97 6.87 16.27
N ASN A 42 7.80 7.78 15.77
CA ASN A 42 7.48 8.48 14.54
C ASN A 42 7.82 7.53 13.41
N TYR A 43 7.37 7.86 12.20
CA TYR A 43 7.68 7.02 11.05
C TYR A 43 8.22 7.93 9.95
N ILE A 44 9.28 7.47 9.28
CA ILE A 44 9.87 8.23 8.20
C ILE A 44 9.66 7.39 6.95
N GLY A 45 9.16 8.02 5.89
CA GLY A 45 8.91 7.29 4.67
C GLY A 45 9.34 8.03 3.42
N ILE A 46 9.46 7.29 2.33
N ILE A 46 9.47 7.29 2.32
CA ILE A 46 9.87 7.87 1.05
CA ILE A 46 9.86 7.89 1.06
C ILE A 46 8.79 7.56 0.02
C ILE A 46 8.80 7.56 0.02
N ALA A 47 8.16 8.60 -0.50
CA ALA A 47 7.12 8.43 -1.50
C ALA A 47 7.03 9.66 -2.37
N PHE A 48 6.68 9.46 -3.63
CA PHE A 48 6.57 10.56 -4.59
C PHE A 48 7.78 11.49 -4.57
N GLU A 49 8.95 10.88 -4.58
CA GLU A 49 10.23 11.59 -4.58
C GLU A 49 10.39 12.58 -3.44
N LYS A 50 9.84 12.24 -2.28
CA LYS A 50 9.92 13.08 -1.10
C LYS A 50 10.16 12.25 0.15
N VAL A 51 10.89 12.82 1.11
CA VAL A 51 11.11 12.13 2.38
C VAL A 51 10.20 12.89 3.34
N VAL A 52 9.38 12.13 4.06
N VAL A 52 9.37 12.15 4.08
CA VAL A 52 8.43 12.71 5.01
CA VAL A 52 8.48 12.79 5.03
C VAL A 52 8.49 12.00 6.35
C VAL A 52 8.49 12.02 6.34
N GLU A 53 8.26 12.73 7.44
CA GLU A 53 8.25 12.11 8.76
C GLU A 53 6.88 12.41 9.36
N VAL A 54 6.27 11.40 9.96
CA VAL A 54 4.94 11.58 10.55
C VAL A 54 4.93 11.26 12.04
N GLN A 55 4.32 12.16 12.79
CA GLN A 55 4.20 12.01 14.23
C GLN A 55 2.75 12.26 14.65
N LYS A 56 2.27 11.45 15.58
CA LYS A 56 0.91 11.58 16.09
C LYS A 56 1.01 12.01 17.54
N ILE A 57 0.34 13.10 17.88
CA ILE A 57 0.34 13.60 19.25
C ILE A 57 -1.10 13.90 19.61
N GLY A 58 -1.71 13.03 20.40
CA GLY A 58 -3.09 13.24 20.77
C GLY A 58 -3.95 13.14 19.52
N GLU A 59 -4.82 14.12 19.30
CA GLU A 59 -5.69 14.10 18.12
C GLU A 59 -5.07 14.79 16.92
N ASP A 60 -3.80 15.17 17.03
CA ASP A 60 -3.13 15.85 15.92
C ASP A 60 -2.03 15.02 15.26
N VAL A 61 -1.83 15.26 13.98
CA VAL A 61 -0.79 14.59 13.21
C VAL A 61 0.16 15.64 12.66
N VAL A 62 1.44 15.47 12.91
CA VAL A 62 2.43 16.42 12.38
C VAL A 62 3.14 15.75 11.21
N ILE A 63 3.12 16.41 10.05
CA ILE A 63 3.79 15.87 8.89
C ILE A 63 4.99 16.77 8.58
N TYR A 64 6.19 16.30 8.92
CA TYR A 64 7.41 17.06 8.71
C TYR A 64 7.91 17.00 7.27
N ASN A 65 8.58 18.07 6.87
CA ASN A 65 9.19 18.22 5.55
C ASN A 65 8.26 18.50 4.38
N ILE A 66 7.08 19.04 4.66
CA ILE A 66 6.13 19.39 3.61
C ILE A 66 5.48 20.72 3.98
N ASN A 67 4.88 21.38 2.99
CA ASN A 67 4.20 22.64 3.22
C ASN A 67 2.73 22.48 2.90
N GLU A 68 1.96 23.56 3.06
CA GLU A 68 0.53 23.53 2.81
C GLU A 68 0.16 23.16 1.37
N GLU A 69 0.90 23.68 0.40
CA GLU A 69 0.62 23.39 -1.00
C GLU A 69 0.78 21.90 -1.28
N GLU A 70 1.83 21.30 -0.70
CA GLU A 70 2.09 19.87 -0.89
C GLU A 70 1.02 19.03 -0.19
N PHE A 71 0.56 19.48 0.97
CA PHE A 71 -0.47 18.74 1.68
C PHE A 71 -1.74 18.65 0.83
N LYS A 72 -2.12 19.77 0.24
CA LYS A 72 -3.32 19.82 -0.59
C LYS A 72 -3.24 19.04 -1.90
N ASN A 73 -2.08 19.08 -2.56
CA ASN A 73 -1.95 18.40 -3.84
C ASN A 73 -1.43 16.97 -3.78
N VAL A 74 -0.81 16.59 -2.67
CA VAL A 74 -0.25 15.25 -2.57
C VAL A 74 -0.58 14.44 -1.33
N TRP A 75 -0.16 14.95 -0.18
CA TRP A 75 -0.32 14.21 1.06
C TRP A 75 -1.70 14.02 1.65
N SER A 76 -2.61 14.97 1.45
CA SER A 76 -3.95 14.80 1.98
C SER A 76 -4.56 13.56 1.32
N GLU A 77 -4.36 13.40 0.02
CA GLU A 77 -4.88 12.22 -0.68
C GLU A 77 -4.06 10.98 -0.37
N TYR A 78 -2.75 11.14 -0.20
CA TYR A 78 -1.89 10.00 0.10
C TYR A 78 -2.41 9.26 1.34
N PHE A 79 -2.79 10.02 2.37
CA PHE A 79 -3.30 9.41 3.59
C PHE A 79 -4.82 9.20 3.55
N ASP A 80 -5.39 9.35 2.36
CA ASP A 80 -6.83 9.17 2.14
C ASP A 80 -7.66 9.96 3.15
N LEU A 81 -7.24 11.18 3.45
CA LEU A 81 -7.92 12.00 4.45
C LEU A 81 -9.32 12.50 4.11
N TYR A 82 -9.73 12.41 2.86
CA TYR A 82 -11.06 12.88 2.49
C TYR A 82 -12.14 11.83 2.70
N ARG A 83 -11.74 10.61 3.00
N ARG A 83 -11.73 10.60 2.96
CA ARG A 83 -12.70 9.54 3.24
CA ARG A 83 -12.66 9.50 3.18
C ARG A 83 -13.00 9.42 4.74
C ARG A 83 -12.98 9.34 4.66
N ASP A 84 -14.27 9.21 5.07
N ASP A 84 -14.26 9.14 4.96
CA ASP A 84 -14.68 9.06 6.46
CA ASP A 84 -14.74 8.98 6.34
C ASP A 84 -14.66 7.59 6.85
C ASP A 84 -14.62 7.51 6.76
N TYR A 85 -13.55 7.16 7.46
CA TYR A 85 -13.38 5.77 7.89
C TYR A 85 -14.32 5.34 9.00
N GLY A 86 -14.95 6.31 9.65
CA GLY A 86 -15.89 5.96 10.71
C GLY A 86 -17.07 5.23 10.09
N GLU A 87 -17.49 5.70 8.91
CA GLU A 87 -18.61 5.08 8.19
C GLU A 87 -18.21 3.71 7.66
N ILE A 88 -16.97 3.58 7.20
CA ILE A 88 -16.50 2.30 6.70
C ILE A 88 -16.53 1.27 7.82
N LYS A 89 -15.98 1.62 8.98
CA LYS A 89 -15.94 0.72 10.12
C LYS A 89 -17.32 0.40 10.66
N LYS A 90 -18.21 1.38 10.62
CA LYS A 90 -19.57 1.19 11.10
C LYS A 90 -20.26 0.14 10.24
N GLU A 91 -20.13 0.28 8.92
CA GLU A 91 -20.75 -0.65 7.99
C GLU A 91 -20.17 -2.06 8.15
N LEU A 92 -18.84 -2.17 8.15
CA LEU A 92 -18.22 -3.47 8.30
C LEU A 92 -18.52 -4.12 9.64
N SER A 93 -18.58 -3.33 10.70
CA SER A 93 -18.83 -3.86 12.03
C SER A 93 -20.23 -4.46 12.21
N ARG A 94 -21.11 -4.24 11.24
CA ARG A 94 -22.46 -4.79 11.31
C ARG A 94 -22.32 -6.31 11.22
N ASP A 95 -21.18 -6.76 10.72
CA ASP A 95 -20.88 -8.19 10.60
C ASP A 95 -20.06 -8.54 11.84
N PRO A 96 -20.67 -9.29 12.78
CA PRO A 96 -19.98 -9.69 14.01
C PRO A 96 -18.66 -10.40 13.81
N LEU A 97 -18.53 -11.13 12.71
CA LEU A 97 -17.30 -11.86 12.44
C LEU A 97 -16.13 -10.94 12.10
N LEU A 98 -16.41 -9.74 11.61
CA LEU A 98 -15.35 -8.79 11.27
C LEU A 98 -15.01 -7.84 12.41
N LYS A 99 -15.91 -7.74 13.38
CA LYS A 99 -15.70 -6.81 14.49
C LYS A 99 -14.35 -6.88 15.19
N LYS A 100 -13.90 -8.06 15.58
CA LYS A 100 -12.61 -8.17 16.26
C LYS A 100 -11.43 -7.64 15.44
N SER A 101 -11.47 -7.86 14.13
CA SER A 101 -10.39 -7.38 13.26
C SER A 101 -10.46 -5.87 13.11
N VAL A 102 -11.67 -5.35 12.94
CA VAL A 102 -11.84 -3.90 12.82
C VAL A 102 -11.37 -3.24 14.10
N ASP A 103 -11.78 -3.76 15.25
CA ASP A 103 -11.37 -3.20 16.54
C ASP A 103 -9.85 -3.21 16.69
N PHE A 104 -9.20 -4.26 16.18
CA PHE A 104 -7.76 -4.38 16.28
C PHE A 104 -7.03 -3.36 15.41
N GLY A 105 -7.58 -3.07 14.23
CA GLY A 105 -6.93 -2.11 13.35
C GLY A 105 -7.76 -0.88 13.11
N GLU A 106 -8.34 -0.33 14.17
CA GLU A 106 -9.20 0.84 14.03
C GLU A 106 -8.57 2.05 13.35
N GLY A 107 -7.25 2.18 13.45
CA GLY A 107 -6.59 3.33 12.86
C GLY A 107 -6.05 3.14 11.46
N ILE A 108 -6.43 2.04 10.81
CA ILE A 108 -5.97 1.76 9.45
C ILE A 108 -6.60 2.69 8.41
N ARG A 109 -5.80 3.13 7.45
CA ARG A 109 -6.29 3.94 6.33
C ARG A 109 -5.57 3.35 5.13
N ILE A 110 -6.24 3.28 4.00
CA ILE A 110 -5.61 2.73 2.79
C ILE A 110 -4.93 3.88 2.05
N LEU A 111 -3.61 3.88 2.05
CA LEU A 111 -2.85 4.92 1.39
C LEU A 111 -3.07 4.92 -0.12
N ARG A 112 -2.95 6.09 -0.73
CA ARG A 112 -3.08 6.22 -2.17
C ARG A 112 -1.66 6.35 -2.71
N GLN A 113 -1.07 5.20 -3.04
CA GLN A 113 0.30 5.12 -3.51
C GLN A 113 0.47 5.14 -5.03
N ASP A 114 1.71 5.32 -5.46
CA ASP A 114 2.03 5.39 -6.88
C ASP A 114 1.91 4.04 -7.61
N PRO A 115 1.13 4.00 -8.70
CA PRO A 115 0.94 2.76 -9.44
C PRO A 115 2.23 2.05 -9.87
N PHE A 116 3.17 2.79 -10.48
CA PHE A 116 4.41 2.16 -10.94
C PHE A 116 5.18 1.50 -9.80
N GLU A 117 5.37 2.24 -8.69
CA GLU A 117 6.10 1.67 -7.56
C GLU A 117 5.37 0.47 -6.97
N ILE A 118 4.05 0.57 -6.85
CA ILE A 118 3.25 -0.52 -6.28
C ILE A 118 3.25 -1.76 -7.18
N LEU A 119 3.18 -1.55 -8.48
CA LEU A 119 3.22 -2.65 -9.44
C LEU A 119 4.48 -3.50 -9.21
N LEU A 120 5.64 -2.85 -9.21
CA LEU A 120 6.88 -3.57 -9.00
C LEU A 120 7.00 -4.12 -7.58
N SER A 121 6.56 -3.34 -6.60
CA SER A 121 6.64 -3.78 -5.20
C SER A 121 5.88 -5.07 -4.96
N PHE A 122 4.66 -5.20 -5.49
CA PHE A 122 3.92 -6.42 -5.25
C PHE A 122 4.29 -7.60 -6.13
N ILE A 123 4.98 -7.32 -7.24
CA ILE A 123 5.44 -8.44 -8.05
C ILE A 123 6.50 -9.09 -7.16
N ILE A 124 7.29 -8.24 -6.50
CA ILE A 124 8.34 -8.68 -5.59
C ILE A 124 7.76 -9.43 -4.38
N SER A 125 6.55 -9.06 -3.98
CA SER A 125 5.92 -9.67 -2.79
C SER A 125 5.50 -11.14 -2.90
N ALA A 126 5.35 -11.65 -4.12
CA ALA A 126 4.93 -13.03 -4.34
C ALA A 126 5.79 -14.06 -3.63
N ASN A 127 5.15 -14.87 -2.77
CA ASN A 127 5.83 -15.92 -2.01
C ASN A 127 7.12 -15.35 -1.39
N ASN A 128 6.99 -14.20 -0.73
CA ASN A 128 8.12 -13.51 -0.13
C ASN A 128 7.74 -12.98 1.24
N ARG A 129 8.73 -12.61 2.05
CA ARG A 129 8.46 -12.05 3.37
C ARG A 129 8.67 -10.55 3.33
N ILE A 130 7.81 -9.83 4.05
CA ILE A 130 7.87 -8.37 4.07
C ILE A 130 9.26 -7.77 4.31
N PRO A 131 10.04 -8.31 5.27
CA PRO A 131 11.37 -7.71 5.47
C PRO A 131 12.23 -7.79 4.21
N MET A 132 12.14 -8.92 3.51
CA MET A 132 12.92 -9.10 2.28
C MET A 132 12.37 -8.22 1.17
N ILE A 133 11.06 -8.02 1.15
CA ILE A 133 10.43 -7.18 0.14
C ILE A 133 10.92 -5.75 0.33
N LYS A 134 10.93 -5.28 1.58
CA LYS A 134 11.40 -3.94 1.88
C LYS A 134 12.85 -3.74 1.45
N LYS A 135 13.68 -4.73 1.73
CA LYS A 135 15.10 -4.65 1.36
C LYS A 135 15.28 -4.52 -0.14
N CYS A 136 14.55 -5.34 -0.89
CA CYS A 136 14.65 -5.32 -2.34
C CYS A 136 14.23 -3.97 -2.93
N ILE A 137 13.11 -3.43 -2.42
CA ILE A 137 12.61 -2.15 -2.90
C ILE A 137 13.63 -1.04 -2.60
N ASN A 138 14.19 -1.06 -1.40
CA ASN A 138 15.17 -0.04 -1.04
C ASN A 138 16.45 -0.18 -1.87
N ASN A 139 16.85 -1.41 -2.17
CA ASN A 139 18.05 -1.63 -2.97
C ASN A 139 17.86 -1.09 -4.39
N ILE A 140 16.68 -1.36 -4.95
CA ILE A 140 16.37 -0.87 -6.29
C ILE A 140 16.45 0.65 -6.29
N SER A 141 15.91 1.27 -5.24
CA SER A 141 15.91 2.72 -5.12
C SER A 141 17.33 3.27 -4.96
N GLU A 142 18.13 2.63 -4.13
CA GLU A 142 19.50 3.08 -3.92
C GLU A 142 20.30 2.96 -5.22
N LYS A 143 20.03 1.90 -5.97
CA LYS A 143 20.75 1.67 -7.21
C LYS A 143 20.49 2.69 -8.32
N ALA A 144 19.25 3.18 -8.44
CA ALA A 144 18.95 4.12 -9.52
C ALA A 144 18.00 5.27 -9.20
N GLY A 145 17.73 5.52 -7.92
CA GLY A 145 16.84 6.59 -7.55
C GLY A 145 17.52 7.91 -7.26
N LYS A 146 16.75 9.00 -7.27
CA LYS A 146 17.27 10.33 -7.00
C LYS A 146 17.59 10.50 -5.52
N LYS A 147 18.67 11.21 -5.23
CA LYS A 147 19.08 11.44 -3.84
C LYS A 147 18.24 12.51 -3.15
N LEU A 148 17.78 12.20 -1.95
CA LEU A 148 16.98 13.11 -1.16
C LEU A 148 17.66 13.26 0.19
N GLU A 149 17.67 14.46 0.74
CA GLU A 149 18.32 14.69 2.03
C GLU A 149 17.31 15.06 3.11
N TYR A 150 17.45 14.45 4.28
CA TYR A 150 16.58 14.73 5.41
C TYR A 150 17.26 14.44 6.73
N LYS A 151 17.37 15.47 7.58
CA LYS A 151 18.01 15.38 8.88
C LYS A 151 19.37 14.66 8.90
N GLY A 152 20.24 15.03 7.97
CA GLY A 152 21.58 14.45 7.94
C GLY A 152 21.78 13.17 7.15
N LYS A 153 20.70 12.54 6.72
CA LYS A 153 20.81 11.29 5.98
C LYS A 153 20.32 11.42 4.55
N ILE A 154 20.92 10.65 3.66
CA ILE A 154 20.53 10.65 2.26
C ILE A 154 19.60 9.47 2.01
N TYR A 155 18.42 9.76 1.47
CA TYR A 155 17.43 8.74 1.13
C TYR A 155 17.36 8.67 -0.38
N TYR A 156 16.82 7.58 -0.90
CA TYR A 156 16.72 7.43 -2.35
C TYR A 156 15.29 7.24 -2.81
N ALA A 157 14.86 8.10 -3.73
CA ALA A 157 13.51 8.02 -4.26
C ALA A 157 13.40 6.74 -5.10
N PHE A 158 12.17 6.31 -5.39
CA PHE A 158 12.01 5.12 -6.22
C PHE A 158 12.44 5.59 -7.61
N PRO A 159 13.10 4.72 -8.40
CA PRO A 159 13.55 5.10 -9.74
C PRO A 159 12.44 5.42 -10.74
N THR A 160 12.77 6.27 -11.71
CA THR A 160 11.84 6.64 -12.76
C THR A 160 11.73 5.45 -13.70
N VAL A 161 10.74 5.46 -14.59
CA VAL A 161 10.58 4.36 -15.53
C VAL A 161 11.84 4.28 -16.41
N ASP A 162 12.31 5.43 -16.88
CA ASP A 162 13.50 5.45 -17.73
C ASP A 162 14.72 4.83 -17.06
N LYS A 163 14.94 5.15 -15.79
CA LYS A 163 16.08 4.60 -15.07
C LYS A 163 15.93 3.10 -14.84
N LEU A 164 14.73 2.65 -14.52
CA LEU A 164 14.52 1.22 -14.29
C LEU A 164 14.62 0.39 -15.56
N HIS A 165 14.36 1.02 -16.69
CA HIS A 165 14.45 0.31 -17.97
C HIS A 165 15.90 -0.05 -18.27
N GLU A 166 16.84 0.60 -17.57
CA GLU A 166 18.27 0.33 -17.77
C GLU A 166 18.70 -0.94 -17.03
N PHE A 167 17.86 -1.42 -16.12
CA PHE A 167 18.17 -2.62 -15.35
C PHE A 167 18.15 -3.87 -16.22
N THR A 168 19.11 -4.75 -15.99
CA THR A 168 19.16 -6.02 -16.70
C THR A 168 18.55 -6.97 -15.68
N GLU A 169 18.24 -8.20 -16.09
CA GLU A 169 17.67 -9.16 -15.16
C GLU A 169 18.64 -9.31 -14.00
N LYS A 170 19.93 -9.30 -14.32
CA LYS A 170 20.97 -9.44 -13.31
C LYS A 170 20.92 -8.31 -12.28
N ASP A 171 20.65 -7.09 -12.75
CA ASP A 171 20.57 -5.95 -11.84
C ASP A 171 19.49 -6.17 -10.78
N PHE A 172 18.35 -6.70 -11.22
CA PHE A 172 17.25 -6.97 -10.28
C PHE A 172 17.63 -8.08 -9.32
N GLU A 173 18.37 -9.08 -9.83
CA GLU A 173 18.80 -10.20 -9.00
C GLU A 173 19.77 -9.70 -7.93
N GLU A 174 20.57 -8.68 -8.26
CA GLU A 174 21.52 -8.12 -7.32
C GLU A 174 20.79 -7.37 -6.21
N CYS A 175 19.66 -6.75 -6.54
CA CYS A 175 18.86 -6.03 -5.54
C CYS A 175 18.09 -7.12 -4.86
N THR A 176 18.23 -8.29 -5.46
CA THR A 176 17.65 -9.56 -5.07
C THR A 176 16.16 -9.79 -5.08
N ALA A 177 15.65 -9.92 -6.29
CA ALA A 177 14.25 -10.19 -6.55
C ALA A 177 14.16 -11.69 -6.79
N GLY A 178 15.31 -12.35 -6.72
CA GLY A 178 15.34 -13.78 -6.95
C GLY A 178 14.78 -14.11 -8.32
N PHE A 179 13.97 -15.17 -8.40
CA PHE A 179 13.35 -15.60 -9.64
C PHE A 179 12.40 -14.54 -10.22
N ARG A 180 12.03 -13.57 -9.41
CA ARG A 180 11.11 -12.52 -9.85
C ARG A 180 11.78 -11.48 -10.74
N ALA A 181 13.11 -11.50 -10.76
CA ALA A 181 13.89 -10.57 -11.57
C ALA A 181 13.42 -10.51 -13.03
N LYS A 182 13.17 -11.67 -13.63
CA LYS A 182 12.72 -11.68 -15.02
C LYS A 182 11.34 -11.03 -15.17
N TYR A 183 10.51 -11.15 -14.14
CA TYR A 183 9.17 -10.57 -14.19
C TYR A 183 9.27 -9.05 -14.14
N LEU A 184 10.17 -8.55 -13.28
CA LEU A 184 10.36 -7.12 -13.14
C LEU A 184 10.89 -6.54 -14.46
N LYS A 185 11.85 -7.22 -15.07
CA LYS A 185 12.39 -6.71 -16.31
C LYS A 185 11.35 -6.69 -17.43
N ASP A 186 10.60 -7.78 -17.55
CA ASP A 186 9.58 -7.87 -18.59
C ASP A 186 8.53 -6.78 -18.38
N THR A 187 8.15 -6.57 -17.12
CA THR A 187 7.14 -5.58 -16.77
C THR A 187 7.61 -4.15 -17.05
N VAL A 188 8.84 -3.83 -16.66
CA VAL A 188 9.36 -2.49 -16.90
C VAL A 188 9.43 -2.23 -18.41
N ASP A 189 9.77 -3.26 -19.18
N ASP A 189 9.77 -3.24 -19.18
CA ASP A 189 9.87 -3.12 -20.63
CA ASP A 189 9.86 -3.07 -20.63
C ASP A 189 8.51 -2.77 -21.24
C ASP A 189 8.51 -2.76 -21.25
N ARG A 190 7.46 -3.43 -20.75
CA ARG A 190 6.12 -3.22 -21.26
C ARG A 190 5.58 -1.83 -20.90
N ILE A 191 6.05 -1.30 -19.77
CA ILE A 191 5.64 0.03 -19.34
C ILE A 191 6.39 1.03 -20.21
N TYR A 192 7.70 0.82 -20.32
CA TYR A 192 8.55 1.70 -21.10
C TYR A 192 8.12 1.84 -22.57
N ASN A 193 7.84 0.71 -23.22
CA ASN A 193 7.44 0.78 -24.62
C ASN A 193 5.96 1.07 -24.85
N GLY A 194 5.23 1.32 -23.76
CA GLY A 194 3.82 1.66 -23.88
C GLY A 194 2.83 0.53 -24.17
N GLU A 195 3.28 -0.71 -24.07
CA GLU A 195 2.41 -1.85 -24.31
C GLU A 195 1.23 -1.82 -23.34
N LEU A 196 1.52 -1.50 -22.07
CA LEU A 196 0.48 -1.39 -21.05
C LEU A 196 0.64 -0.01 -20.44
N ASN A 197 -0.47 0.69 -20.26
CA ASN A 197 -0.47 2.04 -19.72
C ASN A 197 -1.16 2.12 -18.35
N LEU A 198 -0.38 2.39 -17.30
CA LEU A 198 -0.94 2.45 -15.95
C LEU A 198 -2.03 3.49 -15.71
N GLU A 199 -1.89 4.67 -16.29
CA GLU A 199 -2.90 5.71 -16.10
C GLU A 199 -4.21 5.26 -16.73
N TYR A 200 -4.12 4.59 -17.87
CA TYR A 200 -5.32 4.10 -18.54
C TYR A 200 -5.94 2.98 -17.72
N ILE A 201 -5.10 2.07 -17.23
CA ILE A 201 -5.58 0.94 -16.44
C ILE A 201 -6.26 1.43 -15.16
N LYS A 202 -5.70 2.46 -14.55
CA LYS A 202 -6.25 3.00 -13.32
C LYS A 202 -7.64 3.62 -13.53
N SER A 203 -7.94 4.04 -14.75
CA SER A 203 -9.23 4.65 -15.05
C SER A 203 -10.36 3.64 -15.25
N LEU A 204 -9.99 2.37 -15.45
CA LEU A 204 -10.97 1.30 -15.69
C LEU A 204 -11.74 0.91 -14.44
N ASN A 205 -12.93 0.35 -14.62
CA ASN A 205 -13.73 -0.08 -13.47
C ASN A 205 -12.97 -1.24 -12.80
N ASP A 206 -13.35 -1.54 -11.57
CA ASP A 206 -12.68 -2.60 -10.79
C ASP A 206 -12.36 -3.91 -11.52
N ASN A 207 -13.36 -4.55 -12.10
CA ASN A 207 -13.13 -5.82 -12.78
C ASN A 207 -12.23 -5.72 -14.02
N GLU A 208 -12.44 -4.70 -14.84
CA GLU A 208 -11.61 -4.54 -16.03
C GLU A 208 -10.17 -4.18 -15.67
N CYS A 209 -10.02 -3.38 -14.62
CA CYS A 209 -8.70 -2.97 -14.13
C CYS A 209 -7.93 -4.22 -13.69
N HIS A 210 -8.62 -5.08 -12.95
CA HIS A 210 -8.03 -6.33 -12.46
C HIS A 210 -7.52 -7.19 -13.62
N GLU A 211 -8.34 -7.32 -14.65
CA GLU A 211 -7.97 -8.12 -15.81
C GLU A 211 -6.76 -7.58 -16.56
N GLU A 212 -6.67 -6.27 -16.73
CA GLU A 212 -5.53 -5.67 -17.43
C GLU A 212 -4.25 -5.87 -16.63
N LEU A 213 -4.33 -5.71 -15.32
CA LEU A 213 -3.16 -5.88 -14.46
C LEU A 213 -2.56 -7.27 -14.53
N LYS A 214 -3.42 -8.29 -14.67
CA LYS A 214 -2.93 -9.66 -14.74
C LYS A 214 -2.18 -9.93 -16.05
N LYS A 215 -2.20 -8.97 -16.97
CA LYS A 215 -1.48 -9.17 -18.22
C LYS A 215 0.03 -9.07 -17.97
N PHE A 216 0.40 -8.40 -16.88
CA PHE A 216 1.81 -8.23 -16.51
C PHE A 216 2.37 -9.56 -15.98
N MET A 217 3.59 -9.89 -16.39
N MET A 217 3.61 -9.86 -16.36
CA MET A 217 4.21 -11.12 -15.92
CA MET A 217 4.27 -11.08 -15.93
C MET A 217 4.59 -10.97 -14.45
C MET A 217 4.60 -10.96 -14.44
N GLY A 218 4.19 -11.95 -13.65
CA GLY A 218 4.46 -11.91 -12.22
C GLY A 218 3.26 -11.41 -11.45
N VAL A 219 2.21 -11.03 -12.17
CA VAL A 219 0.99 -10.53 -11.54
C VAL A 219 -0.17 -11.51 -11.70
N GLY A 220 -0.66 -12.03 -10.58
CA GLY A 220 -1.78 -12.95 -10.61
C GLY A 220 -2.98 -12.28 -9.94
N PRO A 221 -4.00 -13.05 -9.52
CA PRO A 221 -5.19 -12.50 -8.88
C PRO A 221 -4.92 -11.72 -7.58
N GLN A 222 -4.01 -12.23 -6.76
N GLN A 222 -4.01 -12.24 -6.76
CA GLN A 222 -3.67 -11.58 -5.50
CA GLN A 222 -3.64 -11.62 -5.50
C GLN A 222 -2.86 -10.31 -5.70
C GLN A 222 -2.85 -10.33 -5.69
N VAL A 223 -1.79 -10.39 -6.49
CA VAL A 223 -0.96 -9.22 -6.74
C VAL A 223 -1.77 -8.15 -7.48
N ALA A 224 -2.63 -8.56 -8.41
CA ALA A 224 -3.44 -7.59 -9.13
C ALA A 224 -4.38 -6.85 -8.18
N ASP A 225 -4.98 -7.57 -7.23
CA ASP A 225 -5.88 -6.92 -6.27
C ASP A 225 -5.11 -5.94 -5.38
N CYS A 226 -3.91 -6.31 -4.98
CA CYS A 226 -3.10 -5.42 -4.14
C CYS A 226 -2.78 -4.15 -4.91
N ILE A 227 -2.37 -4.31 -6.16
CA ILE A 227 -2.05 -3.14 -6.97
C ILE A 227 -3.24 -2.22 -7.17
N MET A 228 -4.39 -2.74 -7.60
CA MET A 228 -5.50 -1.84 -7.82
C MET A 228 -6.07 -1.25 -6.54
N LEU A 229 -5.91 -1.97 -5.43
CA LEU A 229 -6.40 -1.44 -4.15
C LEU A 229 -5.50 -0.33 -3.62
N PHE A 230 -4.20 -0.62 -3.57
CA PHE A 230 -3.23 0.31 -3.02
C PHE A 230 -2.79 1.48 -3.90
N SER A 231 -2.97 1.38 -5.21
CA SER A 231 -2.56 2.49 -6.07
C SER A 231 -3.65 2.96 -7.04
N MET A 232 -4.76 2.25 -7.11
CA MET A 232 -5.82 2.66 -8.03
C MET A 232 -7.18 2.84 -7.38
N GLN A 233 -7.23 2.69 -6.06
CA GLN A 233 -8.46 2.86 -5.30
C GLN A 233 -9.67 2.05 -5.79
N LYS A 234 -9.43 0.80 -6.17
CA LYS A 234 -10.52 -0.07 -6.63
C LYS A 234 -10.84 -0.89 -5.40
N TYR A 235 -11.75 -0.36 -4.57
CA TYR A 235 -12.09 -0.99 -3.30
C TYR A 235 -12.86 -2.30 -3.28
N SER A 236 -13.27 -2.83 -4.44
CA SER A 236 -13.97 -4.12 -4.44
C SER A 236 -12.90 -5.22 -4.52
N ALA A 237 -11.64 -4.80 -4.53
CA ALA A 237 -10.53 -5.74 -4.59
C ALA A 237 -10.51 -6.54 -3.28
N PHE A 238 -10.08 -7.80 -3.36
CA PHE A 238 -9.99 -8.65 -2.18
C PHE A 238 -8.77 -9.56 -2.34
N PRO A 239 -7.56 -9.02 -2.13
CA PRO A 239 -6.34 -9.83 -2.27
C PRO A 239 -6.25 -10.94 -1.24
N VAL A 240 -6.23 -12.18 -1.73
CA VAL A 240 -6.14 -13.34 -0.85
C VAL A 240 -4.72 -13.91 -0.82
N ASP A 241 -3.96 -13.56 0.20
CA ASP A 241 -2.61 -14.07 0.37
C ASP A 241 -2.72 -15.14 1.45
N THR A 242 -1.59 -15.60 1.96
CA THR A 242 -1.61 -16.63 2.98
C THR A 242 -2.35 -16.18 4.26
N TRP A 243 -2.18 -14.92 4.65
CA TRP A 243 -2.84 -14.44 5.86
C TRP A 243 -4.35 -14.22 5.73
N VAL A 244 -4.79 -13.65 4.61
CA VAL A 244 -6.21 -13.44 4.42
C VAL A 244 -6.88 -14.82 4.28
N LYS A 245 -6.16 -15.77 3.68
CA LYS A 245 -6.70 -17.12 3.53
C LYS A 245 -6.97 -17.69 4.93
N LYS A 246 -6.00 -17.53 5.83
CA LYS A 246 -6.15 -18.03 7.20
C LYS A 246 -7.31 -17.35 7.92
N ALA A 247 -7.43 -16.04 7.75
CA ALA A 247 -8.51 -15.29 8.38
C ALA A 247 -9.86 -15.77 7.88
N MET A 248 -9.98 -15.99 6.57
CA MET A 248 -11.25 -16.44 6.00
C MET A 248 -11.59 -17.87 6.41
N MET A 249 -10.59 -18.73 6.56
CA MET A 249 -10.85 -20.11 6.97
C MET A 249 -11.20 -20.18 8.44
N SER A 250 -10.91 -19.13 9.18
CA SER A 250 -11.22 -19.09 10.60
C SER A 250 -12.66 -18.60 10.80
N LEU A 251 -13.13 -17.78 9.88
CA LEU A 251 -14.45 -17.19 10.02
C LEU A 251 -15.54 -17.60 9.03
N TYR A 252 -15.19 -17.68 7.75
CA TYR A 252 -16.18 -17.95 6.70
C TYR A 252 -16.15 -19.22 5.85
N VAL A 253 -14.97 -19.77 5.59
CA VAL A 253 -14.90 -20.95 4.72
C VAL A 253 -14.15 -22.14 5.27
N ALA A 254 -14.37 -23.29 4.64
CA ALA A 254 -13.72 -24.54 5.02
C ALA A 254 -12.26 -24.52 4.56
N PRO A 255 -11.42 -25.39 5.15
CA PRO A 255 -9.99 -25.48 4.82
C PRO A 255 -9.60 -25.96 3.42
N ASP A 256 -10.55 -26.51 2.67
CA ASP A 256 -10.23 -27.01 1.33
C ASP A 256 -10.73 -26.13 0.18
N VAL A 257 -11.23 -24.95 0.51
CA VAL A 257 -11.73 -24.02 -0.50
C VAL A 257 -10.57 -23.33 -1.21
N SER A 258 -10.65 -23.26 -2.54
CA SER A 258 -9.61 -22.64 -3.36
C SER A 258 -9.51 -21.13 -3.11
N LEU A 259 -8.37 -20.55 -3.47
CA LEU A 259 -8.18 -19.12 -3.29
C LEU A 259 -9.15 -18.32 -4.15
N LYS A 260 -9.44 -18.82 -5.35
CA LYS A 260 -10.38 -18.14 -6.23
C LYS A 260 -11.76 -18.08 -5.58
N LYS A 261 -12.17 -19.19 -4.98
CA LYS A 261 -13.47 -19.26 -4.33
C LYS A 261 -13.51 -18.34 -3.11
N ILE A 262 -12.38 -18.21 -2.42
CA ILE A 262 -12.33 -17.32 -1.25
C ILE A 262 -12.45 -15.88 -1.73
N ARG A 263 -11.76 -15.54 -2.82
CA ARG A 263 -11.82 -14.18 -3.36
C ARG A 263 -13.25 -13.85 -3.76
N ASP A 264 -13.91 -14.76 -4.47
CA ASP A 264 -15.27 -14.51 -4.90
C ASP A 264 -16.23 -14.38 -3.73
N PHE A 265 -16.01 -15.19 -2.70
CA PHE A 265 -16.86 -15.17 -1.51
C PHE A 265 -16.75 -13.81 -0.82
N GLY A 266 -15.51 -13.35 -0.63
CA GLY A 266 -15.29 -12.07 0.01
C GLY A 266 -15.84 -10.89 -0.77
N ARG A 267 -15.63 -10.88 -2.08
CA ARG A 267 -16.13 -9.78 -2.89
C ARG A 267 -17.66 -9.74 -2.90
N GLU A 268 -18.27 -10.91 -2.86
CA GLU A 268 -19.74 -10.98 -2.86
C GLU A 268 -20.28 -10.47 -1.52
N LYS A 269 -19.64 -10.87 -0.43
CA LYS A 269 -20.08 -10.46 0.90
C LYS A 269 -19.80 -9.02 1.30
N PHE A 270 -18.59 -8.53 0.99
CA PHE A 270 -18.21 -7.17 1.38
C PHE A 270 -18.41 -6.10 0.30
N GLY A 271 -18.65 -6.53 -0.93
CA GLY A 271 -18.88 -5.58 -2.01
C GLY A 271 -17.84 -4.48 -2.19
N SER A 272 -18.33 -3.23 -2.26
CA SER A 272 -17.46 -2.08 -2.46
C SER A 272 -16.52 -1.78 -1.29
N LEU A 273 -16.68 -2.50 -0.18
CA LEU A 273 -15.82 -2.32 0.97
C LEU A 273 -14.87 -3.51 1.14
N SER A 274 -14.83 -4.38 0.14
CA SER A 274 -13.97 -5.57 0.22
C SER A 274 -12.50 -5.28 0.55
N GLY A 275 -11.92 -4.28 -0.11
CA GLY A 275 -10.51 -3.96 0.12
C GLY A 275 -10.24 -3.59 1.58
N PHE A 276 -11.17 -2.85 2.17
CA PHE A 276 -11.03 -2.43 3.56
C PHE A 276 -11.18 -3.63 4.47
N ALA A 277 -12.20 -4.45 4.22
CA ALA A 277 -12.40 -5.63 5.03
C ALA A 277 -11.14 -6.49 4.98
N GLN A 278 -10.56 -6.61 3.79
CA GLN A 278 -9.34 -7.40 3.62
C GLN A 278 -8.19 -6.90 4.48
N GLN A 279 -8.01 -5.58 4.54
CA GLN A 279 -6.91 -5.03 5.31
C GLN A 279 -7.05 -5.28 6.81
N TYR A 280 -8.25 -5.11 7.34
CA TYR A 280 -8.46 -5.37 8.76
C TYR A 280 -8.17 -6.85 9.03
N LEU A 281 -8.66 -7.73 8.16
CA LEU A 281 -8.43 -9.16 8.33
C LEU A 281 -6.95 -9.54 8.26
N PHE A 282 -6.24 -9.00 7.27
CA PHE A 282 -4.82 -9.28 7.09
C PHE A 282 -4.00 -8.86 8.31
N TYR A 283 -4.22 -7.63 8.73
CA TYR A 283 -3.50 -7.06 9.87
C TYR A 283 -3.70 -7.88 11.15
N TYR A 284 -4.95 -8.21 11.45
CA TYR A 284 -5.25 -8.99 12.65
C TYR A 284 -4.61 -10.38 12.57
N ALA A 285 -4.79 -11.03 11.42
CA ALA A 285 -4.25 -12.37 11.21
C ALA A 285 -2.73 -12.45 11.36
N ARG A 286 -2.03 -11.57 10.68
CA ARG A 286 -0.57 -11.58 10.73
C ARG A 286 0.01 -11.15 12.05
N GLU A 287 -0.52 -10.09 12.65
CA GLU A 287 -0.01 -9.61 13.92
C GLU A 287 -0.23 -10.60 15.07
N ASN A 288 -1.33 -11.34 15.01
CA ASN A 288 -1.62 -12.31 16.05
C ASN A 288 -1.21 -13.72 15.63
N ASN A 289 -0.52 -13.80 14.49
CA ASN A 289 -0.04 -15.05 13.91
C ASN A 289 -1.02 -16.20 14.11
N ILE A 290 -2.25 -15.99 13.65
CA ILE A 290 -3.29 -17.01 13.78
C ILE A 290 -2.88 -18.29 13.06
N GLN A 291 -3.23 -19.43 13.63
CA GLN A 291 -2.91 -20.73 13.04
C GLN A 291 -4.14 -21.33 12.37
#